data_6X1M
#
_entry.id   6X1M
#
_cell.length_a   185.769
_cell.length_b   185.769
_cell.length_c   159.773
_cell.angle_alpha   90.000
_cell.angle_beta   90.000
_cell.angle_gamma   120.000
#
_symmetry.space_group_name_H-M   'H 3 2'
#
loop_
_entity.id
_entity.type
_entity.pdbx_description
1 polymer 'Lon protease homolog, mitochondrial'
2 non-polymer '[(1R)-4-phenyl-1-{[N-(pyrazine-2-carbonyl)-D-norvalyl]amino}butyl]boronic acid'
#
_entity_poly.entity_id   1
_entity_poly.type   'polypeptide(L)'
_entity_poly.pdbx_seq_one_letter_code
;MGSDKIHHHHHHERMYDVTPPGVVMGLAWTAMGGSTLFVETSLRRPQDKDAKGDKDGSLEVTGQLGEVMKESARIAYTFA
RAFLMQHAPANDYLVTSHIHLHVPEGATPKDGPSAGCTIVTALLSLAMGRPVRQNLAMTGEVSLTGKILPVGGIKEKTIA
AKRAGVTCIVLPAENKKDFYDLAAFITEGLEVHFVEHYREIFDIAFPDEQAEALAVER
;
_entity_poly.pdbx_strand_id   A,B,C
#
loop_
_chem_comp.id
_chem_comp.type
_chem_comp.name
_chem_comp.formula
UKS non-polymer '[(1R)-4-phenyl-1-{[N-(pyrazine-2-carbonyl)-D-norvalyl]amino}butyl]boronic acid' 'C20 H27 B N4 O4'
#
# COMPACT_ATOMS: atom_id res chain seq x y z
N GLU A 13 -9.08 -10.30 -11.34
CA GLU A 13 -10.35 -10.58 -10.68
C GLU A 13 -10.10 -10.65 -9.17
N ARG A 14 -9.17 -9.83 -8.70
CA ARG A 14 -8.86 -9.76 -7.27
C ARG A 14 -8.64 -8.31 -6.86
N MET A 15 -8.68 -8.09 -5.53
CA MET A 15 -8.61 -6.75 -4.99
C MET A 15 -7.24 -6.10 -5.16
N TYR A 16 -6.15 -6.87 -5.11
CA TYR A 16 -4.80 -6.35 -5.24
C TYR A 16 -4.11 -7.06 -6.39
N ASP A 17 -3.52 -6.30 -7.29
CA ASP A 17 -2.63 -6.87 -8.28
C ASP A 17 -1.17 -6.77 -7.87
N VAL A 18 -0.85 -5.96 -6.85
CA VAL A 18 0.50 -5.78 -6.33
C VAL A 18 0.37 -5.61 -4.81
N THR A 19 0.78 -6.62 -4.04
CA THR A 19 0.70 -6.56 -2.58
C THR A 19 1.84 -5.74 -1.99
N PRO A 20 1.58 -4.59 -1.39
CA PRO A 20 2.64 -3.82 -0.72
C PRO A 20 3.00 -4.45 0.62
N PRO A 21 3.90 -3.84 1.40
CA PRO A 21 4.18 -4.38 2.74
C PRO A 21 2.98 -4.27 3.67
N GLY A 22 2.75 -5.33 4.44
CA GLY A 22 1.59 -5.40 5.31
C GLY A 22 0.35 -5.99 4.67
N VAL A 23 0.36 -6.19 3.34
CA VAL A 23 -0.75 -6.77 2.61
C VAL A 23 -0.33 -8.16 2.16
N VAL A 24 -1.08 -9.18 2.58
CA VAL A 24 -0.88 -10.54 2.12
C VAL A 24 -2.21 -11.04 1.58
N MET A 25 -2.13 -11.99 0.66
CA MET A 25 -3.31 -12.60 0.08
C MET A 25 -3.58 -13.93 0.77
N GLY A 26 -4.82 -14.10 1.22
CA GLY A 26 -5.26 -15.33 1.82
C GLY A 26 -6.36 -15.95 0.99
N LEU A 27 -6.82 -17.11 1.43
CA LEU A 27 -7.89 -17.81 0.76
C LEU A 27 -8.97 -18.10 1.78
N ALA A 28 -10.20 -17.81 1.40
CA ALA A 28 -11.38 -18.07 2.19
C ALA A 28 -12.32 -18.91 1.36
N TRP A 29 -13.04 -19.80 2.02
CA TRP A 29 -13.96 -20.69 1.33
C TRP A 29 -15.33 -20.57 1.97
N THR A 30 -16.34 -20.36 1.13
CA THR A 30 -17.74 -20.38 1.51
C THR A 30 -18.45 -21.50 0.78
N ALA A 31 -19.70 -21.74 1.18
CA ALA A 31 -20.50 -22.78 0.53
C ALA A 31 -20.82 -22.44 -0.93
N MET A 32 -20.51 -21.22 -1.38
CA MET A 32 -20.69 -20.84 -2.78
C MET A 32 -19.42 -21.01 -3.60
N GLY A 33 -18.38 -21.60 -3.03
CA GLY A 33 -17.11 -21.79 -3.70
C GLY A 33 -15.96 -21.10 -3.00
N GLY A 34 -14.87 -20.82 -3.72
CA GLY A 34 -13.75 -20.11 -3.15
C GLY A 34 -13.82 -18.62 -3.36
N SER A 35 -12.88 -17.92 -2.72
CA SER A 35 -12.74 -16.48 -2.84
C SER A 35 -11.38 -16.08 -2.27
N THR A 36 -10.88 -14.93 -2.71
CA THR A 36 -9.58 -14.44 -2.28
C THR A 36 -9.80 -13.26 -1.33
N LEU A 37 -9.33 -13.42 -0.10
CA LEU A 37 -9.39 -12.38 0.91
C LEU A 37 -7.97 -11.87 1.18
N PHE A 38 -7.88 -10.56 1.39
CA PHE A 38 -6.61 -9.90 1.60
C PHE A 38 -6.48 -9.39 3.03
N VAL A 39 -5.44 -9.86 3.72
CA VAL A 39 -5.16 -9.40 5.09
C VAL A 39 -4.41 -8.11 4.87
N GLU A 40 -4.57 -7.11 5.71
CA GLU A 40 -3.92 -5.80 5.57
C GLU A 40 -3.44 -5.37 6.93
N THR A 41 -2.33 -4.66 7.04
CA THR A 41 -1.82 -4.17 8.31
C THR A 41 -1.28 -2.76 8.12
N SER A 42 -1.31 -1.94 9.16
CA SER A 42 -0.89 -0.55 9.06
C SER A 42 -0.54 -0.04 10.45
N LEU A 43 -0.14 1.23 10.52
CA LEU A 43 0.20 1.86 11.78
C LEU A 43 -0.86 2.89 12.16
N ARG A 44 -1.05 3.05 13.48
CA ARG A 44 -1.96 4.03 14.02
C ARG A 44 -1.25 5.20 14.69
N ARG A 45 -0.29 4.91 15.57
CA ARG A 45 0.62 5.88 16.15
C ARG A 45 2.01 5.71 15.54
N PRO A 46 2.87 6.74 15.63
CA PRO A 46 4.27 6.56 15.22
C PRO A 46 5.04 5.57 16.08
N ASP A 56 5.37 -0.33 25.28
CA ASP A 56 4.40 -1.38 25.00
C ASP A 56 3.75 -1.20 23.63
N GLY A 57 3.63 -2.29 22.88
CA GLY A 57 3.05 -2.31 21.54
C GLY A 57 1.73 -3.06 21.51
N SER A 58 0.84 -2.68 20.58
CA SER A 58 -0.55 -3.16 20.57
C SER A 58 -0.95 -3.72 19.20
N LEU A 59 -2.23 -4.12 19.11
CA LEU A 59 -2.84 -4.64 17.89
C LEU A 59 -4.34 -4.33 17.83
N GLU A 60 -4.81 -4.04 16.61
CA GLU A 60 -6.22 -3.76 16.34
C GLU A 60 -6.70 -4.58 15.15
N VAL A 61 -7.98 -4.90 15.15
CA VAL A 61 -8.57 -5.78 14.16
C VAL A 61 -9.92 -5.22 13.68
N THR A 62 -10.15 -5.30 12.38
CA THR A 62 -11.43 -4.95 11.78
C THR A 62 -11.70 -5.90 10.62
N GLY A 63 -12.87 -5.80 9.95
CA GLY A 63 -13.27 -6.72 8.87
C GLY A 63 -14.35 -7.71 9.27
N GLN A 64 -15.17 -7.41 10.26
CA GLN A 64 -16.23 -8.29 10.78
C GLN A 64 -15.64 -9.65 11.03
N LEU A 65 -14.54 -9.74 11.77
CA LEU A 65 -13.92 -11.04 12.11
C LEU A 65 -14.72 -11.67 13.25
N GLY A 66 -14.72 -13.03 13.45
CA GLY A 66 -15.44 -13.81 14.42
C GLY A 66 -14.60 -14.16 15.63
N GLU A 67 -15.28 -14.61 16.68
CA GLU A 67 -14.60 -14.94 17.93
C GLU A 67 -13.50 -15.97 17.74
N VAL A 68 -13.64 -16.84 16.73
CA VAL A 68 -12.62 -17.87 16.53
C VAL A 68 -11.42 -17.32 15.78
N MET A 69 -11.64 -16.46 14.78
CA MET A 69 -10.49 -15.93 14.05
C MET A 69 -9.74 -14.91 14.88
N LYS A 70 -10.47 -14.07 15.62
CA LYS A 70 -9.84 -13.05 16.45
C LYS A 70 -8.82 -13.67 17.38
N GLU A 71 -8.97 -14.96 17.68
CA GLU A 71 -7.93 -15.67 18.40
C GLU A 71 -6.75 -15.95 17.49
N SER A 72 -7.01 -16.27 16.22
CA SER A 72 -5.90 -16.48 15.28
C SER A 72 -5.07 -15.23 15.08
N ALA A 73 -5.69 -14.05 15.21
CA ALA A 73 -4.91 -12.82 15.13
C ALA A 73 -4.00 -12.68 16.34
N ARG A 74 -4.54 -12.93 17.55
CA ARG A 74 -3.74 -12.78 18.76
C ARG A 74 -2.65 -13.82 18.86
N ILE A 75 -2.85 -14.98 18.22
CA ILE A 75 -1.83 -16.01 18.16
C ILE A 75 -0.75 -15.66 17.15
N ALA A 76 -1.16 -15.28 15.94
CA ALA A 76 -0.18 -14.89 14.94
C ALA A 76 0.61 -13.66 15.39
N TYR A 77 -0.05 -12.74 16.09
CA TYR A 77 0.63 -11.57 16.64
C TYR A 77 1.65 -11.97 17.70
N THR A 78 1.28 -12.91 18.57
CA THR A 78 2.24 -13.38 19.57
C THR A 78 3.41 -14.08 18.89
N PHE A 79 3.13 -14.89 17.87
CA PHE A 79 4.18 -15.63 17.19
C PHE A 79 5.06 -14.72 16.35
N ALA A 80 4.49 -13.73 15.68
CA ALA A 80 5.29 -12.83 14.81
C ALA A 80 6.24 -12.06 15.70
N ARG A 81 5.78 -11.58 16.84
CA ARG A 81 6.65 -10.88 17.79
C ARG A 81 7.76 -11.83 18.21
N ALA A 82 7.42 -13.06 18.55
CA ALA A 82 8.40 -14.08 19.00
C ALA A 82 9.35 -14.42 17.87
N PHE A 83 8.88 -14.49 16.66
CA PHE A 83 9.70 -14.81 15.49
C PHE A 83 10.73 -13.70 15.30
N LEU A 84 10.35 -12.46 15.59
CA LEU A 84 11.25 -11.28 15.46
C LEU A 84 12.33 -11.37 16.54
N MET A 85 11.91 -11.68 17.76
CA MET A 85 12.77 -11.88 18.96
C MET A 85 13.90 -12.87 18.64
N GLN A 86 13.59 -13.96 17.91
CA GLN A 86 14.55 -15.02 17.59
C GLN A 86 15.44 -14.71 16.39
N HIS A 87 14.89 -14.35 15.23
CA HIS A 87 15.71 -14.33 14.01
C HIS A 87 16.33 -12.97 13.76
N ALA A 88 15.58 -11.89 13.95
CA ALA A 88 16.09 -10.53 13.80
C ALA A 88 15.81 -9.79 15.10
N PRO A 89 16.66 -9.98 16.12
CA PRO A 89 16.34 -9.42 17.43
C PRO A 89 16.47 -7.92 17.48
N ALA A 90 17.13 -7.31 16.50
CA ALA A 90 17.22 -5.86 16.45
C ALA A 90 15.89 -5.21 16.16
N ASN A 91 14.92 -5.98 15.66
CA ASN A 91 13.65 -5.42 15.22
C ASN A 91 12.67 -5.41 16.37
N ASP A 92 12.37 -4.20 16.85
CA ASP A 92 11.42 -3.96 17.93
C ASP A 92 10.06 -3.56 17.41
N TYR A 93 9.89 -3.53 16.08
CA TYR A 93 8.71 -2.93 15.48
C TYR A 93 7.42 -3.45 16.12
N LEU A 94 7.32 -4.77 16.30
CA LEU A 94 6.06 -5.34 16.75
C LEU A 94 5.85 -5.20 18.25
N VAL A 95 6.93 -5.13 19.03
CA VAL A 95 6.80 -5.04 20.48
C VAL A 95 6.46 -3.65 20.95
N THR A 96 6.53 -2.64 20.07
CA THR A 96 6.31 -1.25 20.46
C THR A 96 5.20 -0.56 19.70
N SER A 97 4.96 -0.93 18.44
CA SER A 97 4.06 -0.19 17.56
C SER A 97 2.59 -0.51 17.84
N HIS A 98 1.74 0.49 17.58
CA HIS A 98 0.29 0.33 17.66
C HIS A 98 -0.20 -0.04 16.27
N ILE A 99 -0.44 -1.34 16.05
CA ILE A 99 -0.72 -1.89 14.72
C ILE A 99 -2.22 -2.07 14.56
N HIS A 100 -2.68 -2.04 13.30
CA HIS A 100 -4.08 -2.18 12.93
C HIS A 100 -4.18 -3.17 11.77
N LEU A 101 -5.03 -4.19 11.92
CA LEU A 101 -5.23 -5.18 10.87
C LEU A 101 -6.69 -5.15 10.44
N HIS A 102 -6.92 -5.11 9.12
CA HIS A 102 -8.25 -5.09 8.55
C HIS A 102 -8.30 -6.07 7.39
N VAL A 103 -9.36 -6.88 7.34
CA VAL A 103 -9.52 -7.82 6.24
C VAL A 103 -10.74 -7.46 5.41
N PRO A 104 -10.59 -6.67 4.34
CA PRO A 104 -11.74 -6.41 3.45
C PRO A 104 -12.14 -7.69 2.72
N GLU A 105 -13.32 -7.66 2.07
CA GLU A 105 -14.19 -6.50 1.97
C GLU A 105 -14.88 -6.20 3.30
N GLY A 106 -15.48 -5.02 3.36
CA GLY A 106 -15.82 -4.38 4.62
C GLY A 106 -16.73 -5.14 5.56
N ALA A 107 -17.95 -5.43 5.12
CA ALA A 107 -19.00 -5.94 6.00
C ALA A 107 -19.19 -7.45 5.94
N THR A 108 -18.45 -8.15 5.11
CA THR A 108 -18.59 -9.60 5.03
C THR A 108 -18.18 -10.22 6.36
N PRO A 109 -18.95 -11.17 6.90
CA PRO A 109 -18.49 -11.89 8.09
C PRO A 109 -17.45 -12.95 7.76
N LYS A 110 -16.46 -13.07 8.64
CA LYS A 110 -15.39 -14.05 8.47
C LYS A 110 -15.05 -14.67 9.82
N ASP A 111 -14.94 -16.00 9.85
CA ASP A 111 -14.58 -16.72 11.05
C ASP A 111 -13.82 -17.96 10.61
N GLY A 112 -12.68 -18.23 11.25
CA GLY A 112 -11.93 -19.43 10.96
C GLY A 112 -10.43 -19.23 11.00
N PRO A 113 -9.69 -20.25 11.41
CA PRO A 113 -8.23 -20.15 11.50
C PRO A 113 -7.46 -20.35 10.20
N SER A 114 -8.10 -20.49 9.06
CA SER A 114 -7.38 -20.60 7.80
C SER A 114 -6.72 -19.29 7.37
N ALA A 115 -6.81 -18.30 8.26
CA ALA A 115 -6.19 -17.01 8.06
C ALA A 115 -4.93 -16.84 8.91
N GLY A 116 -4.56 -17.85 9.68
CA GLY A 116 -3.48 -17.73 10.63
C GLY A 116 -2.17 -17.29 10.01
N CYS A 117 -1.63 -18.11 9.11
CA CYS A 117 -0.34 -17.81 8.50
C CYS A 117 -0.39 -16.54 7.65
N THR A 118 -1.50 -16.32 6.95
CA THR A 118 -1.66 -15.09 6.18
C THR A 118 -1.48 -13.87 7.05
N ILE A 119 -1.88 -13.94 8.32
CA ILE A 119 -1.74 -12.81 9.22
C ILE A 119 -0.29 -12.65 9.66
N VAL A 120 0.33 -13.74 10.08
CA VAL A 120 1.73 -13.66 10.49
C VAL A 120 2.54 -12.97 9.41
N THR A 121 2.37 -13.41 8.16
CA THR A 121 3.13 -12.84 7.06
C THR A 121 2.80 -11.37 6.86
N ALA A 122 1.56 -10.97 7.08
CA ALA A 122 1.20 -9.56 6.95
C ALA A 122 1.87 -8.74 8.05
N LEU A 123 1.98 -9.31 9.26
CA LEU A 123 2.62 -8.60 10.36
C LEU A 123 4.11 -8.46 10.13
N LEU A 124 4.77 -9.55 9.70
CA LEU A 124 6.20 -9.48 9.40
C LEU A 124 6.45 -8.55 8.22
N SER A 125 5.67 -8.71 7.16
CA SER A 125 5.82 -7.84 5.99
C SER A 125 5.74 -6.38 6.40
N LEU A 126 4.85 -6.05 7.33
CA LEU A 126 4.76 -4.68 7.78
C LEU A 126 5.97 -4.31 8.62
N ALA A 127 6.34 -5.19 9.56
CA ALA A 127 7.43 -4.93 10.48
C ALA A 127 8.79 -4.94 9.81
N MET A 128 8.88 -5.42 8.58
CA MET A 128 10.12 -5.35 7.82
C MET A 128 10.13 -4.20 6.84
N GLY A 129 8.96 -3.79 6.35
CA GLY A 129 8.89 -2.82 5.28
C GLY A 129 9.31 -3.39 3.94
N ARG A 130 8.95 -4.65 3.68
CA ARG A 130 9.31 -5.31 2.44
C ARG A 130 8.11 -6.16 2.04
N PRO A 131 7.63 -6.04 0.80
CA PRO A 131 6.41 -6.76 0.41
C PRO A 131 6.64 -8.25 0.24
N VAL A 132 5.53 -8.98 0.13
CA VAL A 132 5.58 -10.42 -0.06
C VAL A 132 5.73 -10.73 -1.54
N ARG A 133 6.09 -11.96 -1.86
CA ARG A 133 6.15 -12.39 -3.24
C ARG A 133 4.83 -12.06 -3.94
N GLN A 134 4.91 -11.43 -5.10
CA GLN A 134 3.71 -11.10 -5.84
C GLN A 134 3.13 -12.37 -6.44
N ASN A 135 1.81 -12.39 -6.63
CA ASN A 135 1.09 -13.58 -7.10
C ASN A 135 1.36 -14.75 -6.15
N LEU A 136 0.99 -14.54 -4.89
CA LEU A 136 1.11 -15.56 -3.86
C LEU A 136 -0.12 -15.51 -2.99
N ALA A 137 -0.78 -16.67 -2.82
CA ALA A 137 -1.87 -16.83 -1.88
C ALA A 137 -1.56 -18.00 -0.95
N MET A 138 -2.09 -17.94 0.25
CA MET A 138 -1.80 -18.98 1.22
C MET A 138 -3.01 -19.14 2.12
N THR A 139 -3.02 -20.27 2.81
CA THR A 139 -4.06 -20.56 3.77
C THR A 139 -3.52 -21.65 4.67
N GLY A 140 -3.83 -21.56 5.95
CA GLY A 140 -3.36 -22.54 6.91
C GLY A 140 -3.48 -22.02 8.32
N GLU A 141 -3.97 -22.87 9.21
CA GLU A 141 -4.03 -22.56 10.63
C GLU A 141 -2.63 -22.68 11.23
N VAL A 142 -2.34 -21.81 12.17
CA VAL A 142 -1.05 -21.76 12.83
C VAL A 142 -1.23 -22.10 14.30
N SER A 143 -0.22 -22.73 14.87
CA SER A 143 -0.17 -22.94 16.31
C SER A 143 0.70 -21.84 16.91
N LEU A 144 0.91 -21.90 18.22
CA LEU A 144 1.68 -20.85 18.88
C LEU A 144 3.17 -20.99 18.58
N THR A 145 3.66 -22.22 18.41
CA THR A 145 5.05 -22.52 18.07
C THR A 145 5.33 -22.45 16.58
N GLY A 146 4.33 -22.17 15.76
CA GLY A 146 4.50 -22.08 14.32
C GLY A 146 4.10 -23.30 13.53
N LYS A 147 3.72 -24.40 14.18
CA LYS A 147 3.23 -25.54 13.42
C LYS A 147 2.05 -25.11 12.56
N ILE A 148 2.02 -25.57 11.32
CA ILE A 148 1.00 -25.18 10.34
C ILE A 148 0.05 -26.35 10.19
N LEU A 149 -1.19 -26.15 10.64
CA LEU A 149 -2.22 -27.17 10.75
C LEU A 149 -3.21 -27.08 9.59
N PRO A 150 -3.89 -28.19 9.28
CA PRO A 150 -4.73 -28.24 8.07
C PRO A 150 -6.00 -27.40 8.19
N VAL A 151 -6.56 -27.12 7.01
CA VAL A 151 -7.77 -26.32 6.88
C VAL A 151 -8.69 -26.97 5.85
N GLY A 152 -9.91 -26.47 5.78
CA GLY A 152 -10.95 -27.09 4.99
C GLY A 152 -11.10 -26.49 3.61
N GLY A 153 -11.93 -27.17 2.82
CA GLY A 153 -12.22 -26.74 1.46
C GLY A 153 -10.99 -26.30 0.71
N ILE A 154 -9.98 -27.18 0.68
CA ILE A 154 -8.79 -26.84 -0.07
C ILE A 154 -9.08 -26.88 -1.55
N LYS A 155 -10.10 -27.63 -1.96
CA LYS A 155 -10.48 -27.67 -3.38
C LYS A 155 -11.00 -26.31 -3.83
N GLU A 156 -11.81 -25.66 -3.01
CA GLU A 156 -12.39 -24.38 -3.42
C GLU A 156 -11.46 -23.22 -3.16
N LYS A 157 -10.58 -23.33 -2.16
CA LYS A 157 -9.55 -22.31 -1.99
C LYS A 157 -8.53 -22.36 -3.12
N THR A 158 -8.19 -23.57 -3.58
CA THR A 158 -7.26 -23.69 -4.70
C THR A 158 -7.88 -23.15 -5.98
N ILE A 159 -9.15 -23.47 -6.21
CA ILE A 159 -9.83 -23.01 -7.42
C ILE A 159 -9.94 -21.49 -7.45
N ALA A 160 -10.28 -20.88 -6.30
CA ALA A 160 -10.43 -19.43 -6.28
C ALA A 160 -9.08 -18.73 -6.44
N ALA A 161 -7.99 -19.40 -6.04
CA ALA A 161 -6.67 -18.85 -6.31
C ALA A 161 -6.38 -18.88 -7.81
N LYS A 162 -6.78 -19.95 -8.48
CA LYS A 162 -6.55 -20.04 -9.92
C LYS A 162 -7.46 -19.10 -10.69
N ARG A 163 -8.76 -19.12 -10.41
CA ARG A 163 -9.66 -18.18 -11.07
C ARG A 163 -9.29 -16.74 -10.80
N ALA A 164 -8.53 -16.47 -9.73
CA ALA A 164 -8.17 -15.12 -9.33
C ALA A 164 -6.73 -14.73 -9.70
N GLY A 165 -5.98 -15.63 -10.31
CA GLY A 165 -4.67 -15.28 -10.85
C GLY A 165 -3.45 -15.54 -9.99
N VAL A 166 -3.52 -16.47 -9.05
CA VAL A 166 -2.37 -16.77 -8.19
C VAL A 166 -1.51 -17.83 -8.88
N THR A 167 -0.19 -17.67 -8.78
CA THR A 167 0.76 -18.62 -9.34
C THR A 167 1.52 -19.41 -8.28
N CYS A 168 1.40 -19.03 -7.01
CA CYS A 168 2.12 -19.70 -5.93
C CYS A 168 1.17 -19.86 -4.76
N ILE A 169 0.90 -21.10 -4.37
CA ILE A 169 -0.05 -21.39 -3.31
C ILE A 169 0.69 -22.16 -2.21
N VAL A 170 0.33 -21.86 -0.97
CA VAL A 170 0.95 -22.49 0.20
C VAL A 170 -0.16 -23.18 0.98
N LEU A 171 -0.10 -24.49 1.03
CA LEU A 171 -1.11 -25.25 1.73
C LEU A 171 -0.50 -25.93 2.94
N PRO A 172 -1.30 -26.22 3.97
CA PRO A 172 -0.82 -27.08 5.05
C PRO A 172 -0.49 -28.45 4.48
N ALA A 173 0.63 -29.01 4.93
CA ALA A 173 1.11 -30.27 4.38
C ALA A 173 0.13 -31.40 4.62
N GLU A 174 -0.67 -31.32 5.68
CA GLU A 174 -1.65 -32.35 5.95
C GLU A 174 -2.78 -32.34 4.93
N ASN A 175 -2.99 -31.20 4.27
CA ASN A 175 -4.00 -31.02 3.24
C ASN A 175 -3.48 -31.39 1.85
N LYS A 176 -2.60 -32.40 1.77
CA LYS A 176 -2.02 -32.77 0.48
C LYS A 176 -3.03 -33.50 -0.39
N LYS A 177 -3.78 -34.43 0.20
CA LYS A 177 -4.79 -35.17 -0.57
C LYS A 177 -5.82 -34.22 -1.15
N ASP A 178 -6.38 -33.33 -0.31
CA ASP A 178 -7.43 -32.44 -0.77
C ASP A 178 -7.01 -31.67 -2.02
N PHE A 179 -5.71 -31.42 -2.17
CA PHE A 179 -5.22 -30.69 -3.33
C PHE A 179 -5.12 -31.60 -4.54
N TYR A 180 -4.71 -32.84 -4.33
CA TYR A 180 -4.55 -33.79 -5.42
C TYR A 180 -5.82 -34.54 -5.74
N ASP A 181 -6.92 -34.21 -5.06
CA ASP A 181 -8.24 -34.61 -5.54
C ASP A 181 -8.74 -33.69 -6.64
N LEU A 182 -7.99 -32.66 -6.98
CA LEU A 182 -8.41 -31.64 -7.95
C LEU A 182 -8.09 -32.16 -9.34
N ALA A 183 -8.86 -31.83 -10.36
CA ALA A 183 -8.59 -32.32 -11.71
C ALA A 183 -7.25 -31.82 -12.22
N ALA A 184 -6.76 -32.48 -13.26
CA ALA A 184 -5.44 -32.25 -13.86
C ALA A 184 -5.27 -30.80 -14.28
N PHE A 185 -6.25 -30.18 -14.89
CA PHE A 185 -6.12 -28.79 -15.38
C PHE A 185 -6.12 -27.82 -14.23
N ILE A 186 -6.72 -28.15 -13.09
CA ILE A 186 -6.75 -27.14 -12.05
C ILE A 186 -5.39 -26.96 -11.41
N THR A 187 -4.74 -28.07 -11.03
CA THR A 187 -3.54 -27.92 -10.24
C THR A 187 -2.33 -27.62 -11.11
N GLU A 188 -2.34 -28.02 -12.38
CA GLU A 188 -1.17 -27.79 -13.23
C GLU A 188 -0.85 -26.30 -13.27
N GLY A 189 0.43 -25.98 -13.24
CA GLY A 189 0.85 -24.59 -13.26
C GLY A 189 0.72 -23.85 -11.95
N LEU A 190 0.66 -24.57 -10.83
CA LEU A 190 0.64 -23.99 -9.49
C LEU A 190 1.92 -24.38 -8.79
N GLU A 191 2.73 -23.40 -8.42
CA GLU A 191 3.85 -23.69 -7.54
C GLU A 191 3.26 -23.86 -6.15
N VAL A 192 3.15 -25.12 -5.70
CA VAL A 192 2.49 -25.45 -4.44
C VAL A 192 3.55 -25.95 -3.46
N HIS A 193 3.49 -25.45 -2.24
CA HIS A 193 4.41 -25.84 -1.17
C HIS A 193 3.59 -26.35 0.00
N PHE A 194 3.97 -27.52 0.49
CA PHE A 194 3.26 -28.18 1.59
C PHE A 194 4.11 -28.05 2.86
N VAL A 195 3.61 -27.25 3.80
CA VAL A 195 4.41 -26.75 4.89
C VAL A 195 3.84 -27.25 6.23
N GLU A 196 4.75 -27.55 7.15
CA GLU A 196 4.39 -28.04 8.48
C GLU A 196 4.72 -27.07 9.59
N HIS A 197 5.76 -26.27 9.44
CA HIS A 197 6.07 -25.17 10.33
C HIS A 197 5.94 -23.87 9.54
N TYR A 198 5.89 -22.74 10.25
CA TYR A 198 5.80 -21.46 9.55
C TYR A 198 7.13 -21.08 8.92
N ARG A 199 8.25 -21.58 9.45
CA ARG A 199 9.54 -21.21 8.87
C ARG A 199 9.61 -21.61 7.40
N GLU A 200 8.83 -22.63 6.98
CA GLU A 200 8.80 -23.02 5.57
C GLU A 200 7.98 -22.04 4.75
N ILE A 201 7.02 -21.35 5.36
CA ILE A 201 6.26 -20.32 4.68
C ILE A 201 7.09 -19.06 4.54
N PHE A 202 7.90 -18.75 5.56
CA PHE A 202 8.71 -17.55 5.52
C PHE A 202 9.73 -17.64 4.38
N ASP A 203 10.39 -18.78 4.26
CA ASP A 203 11.41 -18.92 3.23
C ASP A 203 10.83 -18.89 1.82
N ILE A 204 9.51 -19.00 1.69
CA ILE A 204 8.83 -18.93 0.40
C ILE A 204 8.18 -17.57 0.18
N ALA A 205 7.56 -17.01 1.22
CA ALA A 205 6.94 -15.70 1.09
C ALA A 205 8.00 -14.64 0.85
N PHE A 206 9.12 -14.71 1.57
CA PHE A 206 10.18 -13.71 1.55
C PHE A 206 11.44 -14.41 1.06
N PRO A 207 11.53 -14.68 -0.24
CA PRO A 207 12.67 -15.46 -0.73
C PRO A 207 14.01 -14.76 -0.55
N ASP A 208 14.09 -13.47 -0.88
CA ASP A 208 15.38 -12.78 -0.86
C ASP A 208 16.13 -13.01 0.44
N GLU A 209 15.40 -13.22 1.55
CA GLU A 209 16.05 -13.53 2.82
C GLU A 209 16.94 -14.77 2.68
N GLN A 210 16.41 -15.83 2.07
CA GLN A 210 17.18 -17.06 1.84
C GLN A 210 17.62 -17.09 0.37
N ALA A 211 18.68 -16.34 0.09
CA ALA A 211 19.19 -16.22 -1.28
C ALA A 211 20.69 -15.94 -1.25
N GLU A 212 21.47 -16.78 -1.92
CA GLU A 212 22.92 -16.65 -1.91
C GLU A 212 23.34 -15.30 -2.51
N ALA A 213 24.41 -14.72 -2.00
CA ALA A 213 24.87 -13.41 -2.51
C ALA A 213 26.39 -13.34 -2.40
N LEU A 214 26.99 -12.57 -3.32
CA LEU A 214 28.44 -12.35 -3.39
C LEU A 214 28.70 -11.29 -2.35
N ALA A 215 29.02 -11.69 -1.12
CA ALA A 215 29.23 -10.69 -0.06
C ALA A 215 30.37 -9.85 -0.58
N VAL A 216 30.19 -8.53 -0.71
CA VAL A 216 31.23 -7.64 -1.26
C VAL A 216 31.84 -6.95 -0.03
N GLU A 217 33.15 -6.87 0.09
CA GLU A 217 33.94 -6.32 1.21
C GLU A 217 33.70 -7.10 2.50
N HIS B 12 -31.83 24.31 -1.79
CA HIS B 12 -30.89 23.58 -0.95
C HIS B 12 -31.62 22.97 0.24
N GLU B 13 -32.29 21.83 0.00
CA GLU B 13 -32.92 21.05 1.08
C GLU B 13 -31.88 20.12 1.70
N ARG B 14 -30.91 20.73 2.35
CA ARG B 14 -29.89 19.98 3.07
C ARG B 14 -29.60 20.72 4.36
N MET B 15 -28.99 19.99 5.30
CA MET B 15 -28.73 20.54 6.64
C MET B 15 -27.66 21.62 6.60
N TYR B 16 -26.72 21.56 5.66
CA TYR B 16 -25.66 22.55 5.53
C TYR B 16 -25.72 23.14 4.13
N ASP B 17 -26.18 24.39 4.03
CA ASP B 17 -26.03 25.09 2.76
C ASP B 17 -24.58 25.46 2.51
N VAL B 18 -23.75 25.54 3.56
CA VAL B 18 -22.32 25.80 3.47
C VAL B 18 -21.63 24.88 4.48
N THR B 19 -20.91 23.86 3.99
CA THR B 19 -20.23 22.90 4.86
C THR B 19 -19.00 23.54 5.45
N PRO B 20 -18.94 23.79 6.76
CA PRO B 20 -17.74 24.36 7.33
C PRO B 20 -16.62 23.34 7.36
N PRO B 21 -15.45 23.71 7.86
CA PRO B 21 -14.37 22.73 7.96
C PRO B 21 -14.74 21.64 8.96
N GLY B 22 -14.45 20.40 8.56
CA GLY B 22 -14.82 19.22 9.33
C GLY B 22 -16.16 18.62 8.97
N VAL B 23 -16.98 19.27 8.15
CA VAL B 23 -18.29 18.78 7.75
C VAL B 23 -18.19 18.36 6.28
N VAL B 24 -18.55 17.12 6.02
CA VAL B 24 -18.60 16.56 4.68
C VAL B 24 -20.00 16.03 4.45
N MET B 25 -20.41 15.98 3.18
CA MET B 25 -21.70 15.45 2.80
C MET B 25 -21.57 14.01 2.31
N GLY B 26 -22.40 13.12 2.87
CA GLY B 26 -22.43 11.73 2.46
C GLY B 26 -23.78 11.36 1.86
N LEU B 27 -23.85 10.12 1.36
CA LEU B 27 -25.05 9.60 0.73
C LEU B 27 -25.43 8.24 1.31
N ALA B 28 -26.72 8.09 1.63
CA ALA B 28 -27.28 6.85 2.15
C ALA B 28 -28.44 6.43 1.26
N TRP B 29 -28.83 5.16 1.36
CA TRP B 29 -29.99 4.66 0.63
C TRP B 29 -30.78 3.68 1.51
N THR B 30 -32.08 3.94 1.61
CA THR B 30 -33.02 3.12 2.32
C THR B 30 -34.09 2.63 1.34
N ALA B 31 -34.93 1.70 1.80
CA ALA B 31 -35.99 1.19 0.94
C ALA B 31 -37.04 2.26 0.58
N MET B 32 -36.97 3.44 1.20
CA MET B 32 -37.83 4.56 0.86
C MET B 32 -37.16 5.52 -0.12
N GLY B 33 -35.98 5.17 -0.63
CA GLY B 33 -35.24 6.00 -1.56
C GLY B 33 -33.87 6.41 -1.07
N GLY B 34 -33.32 7.48 -1.65
CA GLY B 34 -32.04 7.99 -1.21
C GLY B 34 -32.18 9.11 -0.20
N SER B 35 -31.06 9.52 0.36
CA SER B 35 -31.01 10.63 1.30
C SER B 35 -29.57 11.05 1.49
N THR B 36 -29.38 12.30 1.90
CA THR B 36 -28.07 12.89 2.12
C THR B 36 -27.86 13.05 3.61
N LEU B 37 -26.81 12.40 4.13
CA LEU B 37 -26.42 12.54 5.53
C LEU B 37 -25.11 13.32 5.62
N PHE B 38 -25.00 14.09 6.70
CA PHE B 38 -23.85 14.94 6.95
C PHE B 38 -23.03 14.38 8.11
N VAL B 39 -21.73 14.23 7.88
CA VAL B 39 -20.77 13.80 8.90
C VAL B 39 -20.22 15.02 9.62
N GLU B 40 -20.00 14.88 10.94
CA GLU B 40 -19.59 15.99 11.80
C GLU B 40 -18.45 15.53 12.69
N THR B 41 -17.45 16.41 12.86
CA THR B 41 -16.28 16.14 13.68
C THR B 41 -15.88 17.38 14.46
N SER B 42 -15.37 17.20 15.68
CA SER B 42 -14.98 18.31 16.53
C SER B 42 -14.00 17.83 17.59
N LEU B 43 -13.58 18.77 18.46
CA LEU B 43 -12.73 18.49 19.61
C LEU B 43 -13.50 18.68 20.91
N ARG B 44 -13.09 17.93 21.93
CA ARG B 44 -13.60 18.07 23.28
C ARG B 44 -12.53 18.60 24.24
N ARG B 45 -11.33 18.01 24.22
CA ARG B 45 -10.20 18.52 24.98
C ARG B 45 -9.01 18.75 24.04
N PRO B 46 -8.29 19.87 24.20
CA PRO B 46 -7.18 20.15 23.28
C PRO B 46 -5.83 19.66 23.82
N ASP B 56 -1.17 10.73 23.81
CA ASP B 56 -2.02 9.79 23.07
C ASP B 56 -3.33 10.45 22.67
N GLY B 57 -3.75 10.24 21.42
CA GLY B 57 -4.97 10.82 20.90
C GLY B 57 -6.05 9.77 20.70
N SER B 58 -7.31 10.19 20.85
CA SER B 58 -8.44 9.27 20.93
C SER B 58 -9.54 9.68 19.95
N LEU B 59 -10.61 8.90 19.95
CA LEU B 59 -11.77 9.17 19.11
C LEU B 59 -13.05 8.72 19.81
N GLU B 60 -14.13 9.46 19.55
CA GLU B 60 -15.45 9.16 20.07
C GLU B 60 -16.42 9.19 18.89
N VAL B 61 -17.43 8.34 18.95
CA VAL B 61 -18.36 8.19 17.84
C VAL B 61 -19.78 8.09 18.39
N THR B 62 -20.70 8.83 17.80
CA THR B 62 -22.10 8.82 18.21
C THR B 62 -22.99 8.92 16.97
N GLY B 63 -24.30 8.91 17.20
CA GLY B 63 -25.27 8.98 16.14
C GLY B 63 -25.97 7.67 15.84
N GLN B 64 -26.04 6.74 16.79
CA GLN B 64 -26.69 5.45 16.60
C GLN B 64 -26.07 4.71 15.43
N LEU B 65 -24.75 4.55 15.49
CA LEU B 65 -23.99 3.92 14.42
C LEU B 65 -23.90 2.43 14.66
N GLY B 66 -24.03 1.66 13.58
CA GLY B 66 -24.01 0.23 13.69
C GLY B 66 -22.61 -0.33 13.81
N GLU B 67 -22.52 -1.57 14.29
CA GLU B 67 -21.23 -2.19 14.53
C GLU B 67 -20.38 -2.28 13.26
N VAL B 68 -21.03 -2.40 12.09
CA VAL B 68 -20.31 -2.47 10.77
C VAL B 68 -19.73 -1.10 10.49
N MET B 69 -20.53 -0.02 10.60
CA MET B 69 -20.06 1.30 10.21
C MET B 69 -19.03 1.80 11.23
N LYS B 70 -19.23 1.49 12.51
CA LYS B 70 -18.24 1.88 13.51
C LYS B 70 -16.86 1.37 13.12
N GLU B 71 -16.78 0.13 12.63
CA GLU B 71 -15.49 -0.32 12.12
C GLU B 71 -15.02 0.56 10.99
N SER B 72 -15.93 0.98 10.10
CA SER B 72 -15.56 1.81 8.97
C SER B 72 -14.95 3.13 9.42
N ALA B 73 -15.39 3.67 10.56
CA ALA B 73 -14.80 4.90 11.08
C ALA B 73 -13.40 4.65 11.63
N ARG B 74 -13.21 3.57 12.38
CA ARG B 74 -11.92 3.31 12.97
C ARG B 74 -10.86 3.01 11.91
N ILE B 75 -11.27 2.58 10.72
CA ILE B 75 -10.33 2.41 9.62
C ILE B 75 -9.94 3.76 9.04
N ALA B 76 -10.93 4.63 8.80
CA ALA B 76 -10.63 5.96 8.29
C ALA B 76 -9.76 6.74 9.28
N TYR B 77 -9.96 6.51 10.58
CA TYR B 77 -9.12 7.19 11.57
C TYR B 77 -7.66 6.73 11.42
N THR B 78 -7.45 5.44 11.16
CA THR B 78 -6.09 4.95 10.92
C THR B 78 -5.52 5.52 9.63
N PHE B 79 -6.32 5.53 8.56
CA PHE B 79 -5.82 6.01 7.28
C PHE B 79 -5.65 7.52 7.28
N ALA B 80 -6.58 8.25 7.91
CA ALA B 80 -6.42 9.69 8.02
C ALA B 80 -5.18 10.03 8.84
N ARG B 81 -4.98 9.34 9.97
CA ARG B 81 -3.74 9.49 10.73
C ARG B 81 -2.54 9.19 9.85
N ALA B 82 -2.59 8.07 9.12
CA ALA B 82 -1.45 7.64 8.31
C ALA B 82 -1.24 8.55 7.11
N PHE B 83 -2.30 8.85 6.39
CA PHE B 83 -2.17 9.75 5.25
C PHE B 83 -1.56 11.07 5.69
N LEU B 84 -2.02 11.59 6.82
CA LEU B 84 -1.51 12.86 7.32
C LEU B 84 -0.06 12.73 7.74
N MET B 85 0.26 11.69 8.52
CA MET B 85 1.64 11.47 8.93
C MET B 85 2.58 11.36 7.74
N GLN B 86 2.06 11.00 6.56
CA GLN B 86 2.88 10.88 5.36
C GLN B 86 2.85 12.15 4.52
N HIS B 87 1.67 12.56 4.09
CA HIS B 87 1.53 13.69 3.17
C HIS B 87 1.66 15.05 3.86
N ALA B 88 1.88 15.07 5.16
CA ALA B 88 2.09 16.33 5.87
C ALA B 88 2.54 16.05 7.29
N PRO B 89 3.82 15.75 7.51
CA PRO B 89 4.28 15.33 8.84
C PRO B 89 4.28 16.44 9.85
N ALA B 90 4.13 17.70 9.41
CA ALA B 90 4.08 18.79 10.37
C ALA B 90 2.81 18.78 11.20
N ASN B 91 1.75 18.10 10.76
CA ASN B 91 0.46 18.13 11.43
C ASN B 91 0.35 16.95 12.41
N ASP B 92 0.28 17.25 13.69
CA ASP B 92 0.15 16.26 14.76
C ASP B 92 -1.29 16.09 15.21
N TYR B 93 -2.22 16.82 14.61
CA TYR B 93 -3.56 16.93 15.16
C TYR B 93 -4.17 15.57 15.50
N LEU B 94 -4.09 14.61 14.58
CA LEU B 94 -4.87 13.39 14.76
C LEU B 94 -4.24 12.44 15.76
N VAL B 95 -2.90 12.41 15.86
CA VAL B 95 -2.25 11.48 16.78
C VAL B 95 -2.29 11.96 18.22
N THR B 96 -2.70 13.20 18.44
CA THR B 96 -2.69 13.82 19.76
C THR B 96 -4.06 14.25 20.24
N SER B 97 -4.95 14.64 19.33
CA SER B 97 -6.23 15.24 19.69
C SER B 97 -7.25 14.19 20.12
N HIS B 98 -8.13 14.61 21.02
CA HIS B 98 -9.27 13.79 21.46
C HIS B 98 -10.46 14.18 20.60
N ILE B 99 -10.75 13.37 19.60
CA ILE B 99 -11.73 13.72 18.58
C ILE B 99 -13.06 13.07 18.88
N HIS B 100 -14.12 13.70 18.39
CA HIS B 100 -15.50 13.24 18.53
C HIS B 100 -16.17 13.32 17.17
N LEU B 101 -16.80 12.22 16.73
CA LEU B 101 -17.50 12.18 15.46
C LEU B 101 -18.96 11.84 15.71
N HIS B 102 -19.86 12.60 15.09
CA HIS B 102 -21.29 12.36 15.20
C HIS B 102 -21.93 12.47 13.83
N VAL B 103 -22.80 11.52 13.51
CA VAL B 103 -23.55 11.55 12.25
C VAL B 103 -25.02 11.75 12.57
N PRO B 104 -25.53 12.98 12.52
CA PRO B 104 -26.95 13.19 12.80
C PRO B 104 -27.82 12.50 11.77
N GLU B 105 -29.03 12.09 12.19
CA GLU B 105 -29.60 12.39 13.50
C GLU B 105 -29.29 11.32 14.55
N GLY B 106 -29.76 11.54 15.77
CA GLY B 106 -29.37 10.73 16.90
C GLY B 106 -30.03 9.38 16.94
N ALA B 107 -31.35 9.33 16.75
CA ALA B 107 -32.08 8.08 16.89
C ALA B 107 -32.04 7.22 15.63
N THR B 108 -31.70 7.81 14.50
CA THR B 108 -31.70 7.09 13.23
C THR B 108 -30.55 6.09 13.22
N PRO B 109 -30.82 4.78 13.15
CA PRO B 109 -29.71 3.84 13.00
C PRO B 109 -29.00 4.05 11.68
N LYS B 110 -27.69 3.86 11.67
CA LYS B 110 -26.96 3.88 10.41
C LYS B 110 -25.85 2.85 10.50
N ASP B 111 -25.90 1.86 9.62
CA ASP B 111 -24.88 0.83 9.48
C ASP B 111 -24.27 0.95 8.09
N GLY B 112 -23.34 0.05 7.77
CA GLY B 112 -22.78 -0.01 6.43
C GLY B 112 -21.55 0.86 6.27
N PRO B 113 -20.52 0.32 5.61
CA PRO B 113 -19.28 1.07 5.40
C PRO B 113 -19.27 2.04 4.24
N SER B 114 -20.41 2.33 3.60
CA SER B 114 -20.41 3.24 2.46
C SER B 114 -20.05 4.66 2.83
N ALA B 115 -19.72 4.92 4.09
CA ALA B 115 -19.37 6.25 4.56
C ALA B 115 -17.87 6.46 4.73
N GLY B 116 -17.06 5.47 4.40
CA GLY B 116 -15.65 5.51 4.71
C GLY B 116 -14.92 6.76 4.28
N CYS B 117 -14.85 6.99 2.96
CA CYS B 117 -14.10 8.15 2.48
C CYS B 117 -14.70 9.44 2.99
N THR B 118 -16.02 9.50 3.14
CA THR B 118 -16.64 10.65 3.76
C THR B 118 -16.04 10.92 5.12
N ILE B 119 -15.66 9.86 5.85
CA ILE B 119 -15.06 10.04 7.16
C ILE B 119 -13.61 10.48 7.02
N VAL B 120 -12.85 9.83 6.14
CA VAL B 120 -11.47 10.24 5.90
C VAL B 120 -11.45 11.74 5.59
N THR B 121 -12.29 12.17 4.65
CA THR B 121 -12.27 13.57 4.26
C THR B 121 -12.70 14.47 5.41
N ALA B 122 -13.66 14.02 6.23
CA ALA B 122 -14.10 14.84 7.35
C ALA B 122 -13.01 14.97 8.41
N LEU B 123 -12.26 13.90 8.64
CA LEU B 123 -11.18 13.98 9.62
C LEU B 123 -10.06 14.88 9.10
N LEU B 124 -9.69 14.73 7.83
CA LEU B 124 -8.68 15.61 7.26
C LEU B 124 -9.18 17.05 7.20
N SER B 125 -10.40 17.24 6.70
CA SER B 125 -10.95 18.58 6.59
C SER B 125 -10.89 19.30 7.92
N LEU B 126 -11.14 18.58 9.02
CA LEU B 126 -11.07 19.18 10.34
C LEU B 126 -9.63 19.45 10.76
N ALA B 127 -8.72 18.49 10.51
CA ALA B 127 -7.32 18.63 10.91
C ALA B 127 -6.58 19.69 10.11
N MET B 128 -7.15 20.16 9.00
CA MET B 128 -6.58 21.25 8.23
C MET B 128 -7.27 22.58 8.48
N GLY B 129 -8.53 22.58 8.86
CA GLY B 129 -9.28 23.82 8.88
C GLY B 129 -9.63 24.34 7.51
N ARG B 130 -9.34 23.57 6.47
CA ARG B 130 -9.77 23.91 5.12
C ARG B 130 -11.14 23.27 4.91
N PRO B 131 -12.20 24.05 4.73
CA PRO B 131 -13.50 23.43 4.48
C PRO B 131 -13.43 22.60 3.21
N VAL B 132 -14.44 21.78 3.02
CA VAL B 132 -14.50 20.97 1.81
C VAL B 132 -15.17 21.79 0.72
N ARG B 133 -14.99 21.38 -0.53
CA ARG B 133 -15.67 22.02 -1.64
C ARG B 133 -17.17 22.02 -1.40
N GLN B 134 -17.78 23.19 -1.57
CA GLN B 134 -19.22 23.33 -1.33
C GLN B 134 -20.03 22.64 -2.41
N ASN B 135 -21.20 22.15 -2.02
CA ASN B 135 -22.07 21.38 -2.91
C ASN B 135 -21.30 20.18 -3.46
N LEU B 136 -20.84 19.34 -2.54
CA LEU B 136 -20.10 18.13 -2.86
C LEU B 136 -20.54 17.01 -1.95
N ALA B 137 -20.88 15.87 -2.55
CA ALA B 137 -21.16 14.63 -1.83
C ALA B 137 -20.31 13.51 -2.41
N MET B 138 -20.05 12.50 -1.58
CA MET B 138 -19.24 11.37 -1.99
C MET B 138 -19.73 10.14 -1.27
N THR B 139 -19.34 8.96 -1.77
CA THR B 139 -19.72 7.72 -1.11
C THR B 139 -18.81 6.60 -1.60
N GLY B 140 -18.43 5.70 -0.68
CA GLY B 140 -17.56 4.59 -1.03
C GLY B 140 -16.85 3.97 0.17
N GLU B 141 -16.75 2.65 0.22
CA GLU B 141 -16.01 1.99 1.28
C GLU B 141 -14.50 2.18 1.08
N VAL B 142 -13.78 2.30 2.18
CA VAL B 142 -12.33 2.47 2.17
C VAL B 142 -11.68 1.25 2.84
N SER B 143 -10.47 0.93 2.37
CA SER B 143 -9.65 -0.09 3.00
C SER B 143 -8.65 0.55 3.94
N LEU B 144 -7.76 -0.27 4.50
CA LEU B 144 -6.78 0.27 5.43
C LEU B 144 -5.72 1.09 4.69
N THR B 145 -5.40 0.72 3.45
CA THR B 145 -4.45 1.46 2.64
C THR B 145 -5.09 2.59 1.85
N GLY B 146 -6.41 2.73 1.88
CA GLY B 146 -7.12 3.84 1.22
C GLY B 146 -7.90 3.44 0.00
N LYS B 147 -7.95 2.16 -0.34
CA LYS B 147 -8.59 1.69 -1.58
C LYS B 147 -10.06 2.03 -1.49
N ILE B 148 -10.71 2.44 -2.56
CA ILE B 148 -12.14 2.84 -2.53
C ILE B 148 -12.94 1.71 -3.15
N LEU B 149 -13.55 0.84 -2.33
CA LEU B 149 -14.32 -0.29 -2.81
C LEU B 149 -15.75 0.14 -3.09
N PRO B 150 -16.46 -0.59 -3.95
CA PRO B 150 -17.79 -0.16 -4.36
C PRO B 150 -18.83 -0.29 -3.26
N VAL B 151 -19.96 0.40 -3.49
CA VAL B 151 -21.09 0.41 -2.58
C VAL B 151 -22.36 0.27 -3.42
N GLY B 152 -23.47 0.01 -2.73
CA GLY B 152 -24.70 -0.38 -3.39
C GLY B 152 -25.68 0.76 -3.60
N GLY B 153 -26.70 0.44 -4.39
CA GLY B 153 -27.76 1.38 -4.71
C GLY B 153 -27.24 2.75 -5.06
N ILE B 154 -26.30 2.80 -6.01
CA ILE B 154 -25.81 4.10 -6.45
C ILE B 154 -26.90 4.84 -7.19
N LYS B 155 -27.88 4.10 -7.73
CA LYS B 155 -28.96 4.76 -8.46
C LYS B 155 -29.73 5.70 -7.53
N GLU B 156 -29.95 5.27 -6.29
CA GLU B 156 -30.74 6.04 -5.33
C GLU B 156 -29.92 7.06 -4.56
N LYS B 157 -28.63 6.79 -4.33
CA LYS B 157 -27.77 7.79 -3.72
C LYS B 157 -27.55 8.96 -4.65
N THR B 158 -27.39 8.68 -5.94
CA THR B 158 -27.23 9.76 -6.92
C THR B 158 -28.51 10.57 -7.07
N ILE B 159 -29.67 9.90 -7.12
CA ILE B 159 -30.92 10.64 -7.31
C ILE B 159 -31.13 11.62 -6.16
N ALA B 160 -30.91 11.16 -4.93
CA ALA B 160 -31.10 12.03 -3.78
C ALA B 160 -30.00 13.08 -3.67
N ALA B 161 -28.82 12.82 -4.27
CA ALA B 161 -27.73 13.79 -4.25
C ALA B 161 -28.05 15.02 -5.10
N LYS B 162 -28.65 14.83 -6.28
CA LYS B 162 -29.05 15.99 -7.07
C LYS B 162 -30.25 16.67 -6.45
N ARG B 163 -31.23 15.88 -5.98
CA ARG B 163 -32.39 16.44 -5.30
C ARG B 163 -31.98 17.33 -4.14
N ALA B 164 -30.75 17.22 -3.65
CA ALA B 164 -30.26 18.01 -2.53
C ALA B 164 -29.32 19.14 -2.94
N GLY B 165 -29.06 19.31 -4.23
CA GLY B 165 -28.29 20.45 -4.70
C GLY B 165 -26.80 20.20 -4.87
N VAL B 166 -26.40 18.99 -5.15
CA VAL B 166 -24.99 18.66 -5.32
C VAL B 166 -24.58 18.91 -6.76
N THR B 167 -23.38 19.48 -6.94
CA THR B 167 -22.82 19.71 -8.27
C THR B 167 -21.63 18.83 -8.57
N CYS B 168 -21.04 18.19 -7.56
CA CYS B 168 -19.84 17.36 -7.70
C CYS B 168 -20.01 16.11 -6.86
N ILE B 169 -20.01 14.94 -7.49
CA ILE B 169 -20.22 13.69 -6.79
C ILE B 169 -19.03 12.77 -7.05
N VAL B 170 -18.65 12.01 -6.02
CA VAL B 170 -17.50 11.11 -6.09
C VAL B 170 -17.99 9.70 -5.79
N LEU B 171 -17.92 8.84 -6.79
CA LEU B 171 -18.35 7.45 -6.72
C LEU B 171 -17.16 6.50 -6.85
N PRO B 172 -17.28 5.28 -6.35
CA PRO B 172 -16.24 4.28 -6.64
C PRO B 172 -16.21 3.99 -8.12
N ALA B 173 -14.99 3.89 -8.65
CA ALA B 173 -14.85 3.71 -10.10
C ALA B 173 -15.49 2.42 -10.56
N GLU B 174 -15.62 1.44 -9.66
CA GLU B 174 -16.26 0.17 -10.01
C GLU B 174 -17.77 0.32 -10.24
N ASN B 175 -18.40 1.36 -9.68
CA ASN B 175 -19.84 1.58 -9.81
C ASN B 175 -20.23 2.38 -11.06
N LYS B 176 -19.40 2.36 -12.11
CA LYS B 176 -19.78 3.06 -13.33
C LYS B 176 -21.13 2.58 -13.85
N LYS B 177 -21.39 1.27 -13.79
CA LYS B 177 -22.64 0.74 -14.33
C LYS B 177 -23.85 1.31 -13.59
N ASP B 178 -23.87 1.18 -12.27
CA ASP B 178 -25.02 1.63 -11.51
C ASP B 178 -25.33 3.09 -11.80
N PHE B 179 -24.30 3.88 -12.12
CA PHE B 179 -24.49 5.30 -12.37
C PHE B 179 -25.00 5.56 -13.78
N TYR B 180 -24.54 4.77 -14.74
CA TYR B 180 -24.96 4.92 -16.12
C TYR B 180 -26.23 4.12 -16.42
N ASP B 181 -26.79 3.46 -15.41
CA ASP B 181 -28.14 2.94 -15.49
C ASP B 181 -29.18 4.00 -15.18
N LEU B 182 -28.75 5.19 -14.82
CA LEU B 182 -29.68 6.25 -14.43
C LEU B 182 -30.19 6.89 -15.69
N ALA B 183 -31.27 7.63 -15.57
CA ALA B 183 -31.94 8.28 -16.69
C ALA B 183 -31.00 9.27 -17.36
N ALA B 184 -31.13 9.44 -18.66
CA ALA B 184 -30.41 10.44 -19.45
C ALA B 184 -30.47 11.80 -18.77
N PHE B 185 -31.60 12.18 -18.19
CA PHE B 185 -31.77 13.52 -17.65
C PHE B 185 -31.22 13.69 -16.24
N ILE B 186 -31.19 12.61 -15.45
CA ILE B 186 -30.77 12.72 -14.07
C ILE B 186 -29.27 13.03 -13.98
N THR B 187 -28.44 12.32 -14.72
CA THR B 187 -26.98 12.47 -14.66
C THR B 187 -26.51 13.71 -15.43
N GLU B 188 -27.38 14.33 -16.19
CA GLU B 188 -27.06 15.54 -16.97
C GLU B 188 -26.53 16.63 -16.05
N GLY B 189 -25.48 17.34 -16.45
CA GLY B 189 -25.00 18.53 -15.73
C GLY B 189 -24.42 18.19 -14.37
N LEU B 190 -23.72 17.07 -14.27
CA LEU B 190 -23.09 16.66 -13.02
C LEU B 190 -21.64 16.31 -13.29
N GLU B 191 -20.73 17.01 -12.61
CA GLU B 191 -19.34 16.62 -12.62
C GLU B 191 -19.20 15.40 -11.71
N VAL B 192 -18.96 14.24 -12.32
CA VAL B 192 -18.86 12.97 -11.60
C VAL B 192 -17.42 12.50 -11.67
N HIS B 193 -16.90 12.04 -10.52
CA HIS B 193 -15.54 11.53 -10.42
C HIS B 193 -15.58 10.07 -10.00
N PHE B 194 -14.95 9.21 -10.79
CA PHE B 194 -14.91 7.78 -10.54
C PHE B 194 -13.51 7.44 -10.05
N VAL B 195 -13.41 7.09 -8.76
CA VAL B 195 -12.15 7.04 -8.05
C VAL B 195 -11.87 5.64 -7.54
N GLU B 196 -10.59 5.25 -7.57
CA GLU B 196 -10.14 3.94 -7.18
C GLU B 196 -9.35 3.93 -5.88
N HIS B 197 -8.68 5.05 -5.55
CA HIS B 197 -7.96 5.21 -4.29
C HIS B 197 -8.32 6.55 -3.69
N TYR B 198 -7.89 6.78 -2.44
CA TYR B 198 -8.31 7.99 -1.76
C TYR B 198 -7.47 9.20 -2.17
N ARG B 199 -6.17 9.00 -2.42
CA ARG B 199 -5.33 10.10 -2.84
C ARG B 199 -6.02 10.93 -3.91
N GLU B 200 -6.76 10.26 -4.81
CA GLU B 200 -7.46 10.97 -5.87
C GLU B 200 -8.63 11.80 -5.35
N ILE B 201 -9.20 11.39 -4.22
CA ILE B 201 -10.32 12.11 -3.63
C ILE B 201 -9.87 13.37 -2.92
N PHE B 202 -8.68 13.34 -2.33
CA PHE B 202 -8.18 14.50 -1.59
C PHE B 202 -8.06 15.72 -2.50
N ASP B 203 -7.49 15.54 -3.69
CA ASP B 203 -7.30 16.63 -4.64
C ASP B 203 -8.61 17.13 -5.22
N ILE B 204 -9.73 16.48 -4.91
CA ILE B 204 -11.05 16.93 -5.34
C ILE B 204 -11.76 17.70 -4.24
N ALA B 205 -11.67 17.20 -3.01
CA ALA B 205 -12.28 17.88 -1.87
C ALA B 205 -11.56 19.19 -1.54
N PHE B 206 -10.24 19.18 -1.54
CA PHE B 206 -9.47 20.38 -1.16
C PHE B 206 -8.66 20.88 -2.34
N PRO B 207 -9.24 21.44 -3.41
CA PRO B 207 -8.41 21.78 -4.53
C PRO B 207 -7.31 22.82 -4.28
N ASP B 208 -7.59 23.95 -3.63
CA ASP B 208 -6.58 25.01 -3.43
C ASP B 208 -5.62 24.58 -2.32
N LYS C 5 -17.34 15.56 -19.36
CA LYS C 5 -17.90 16.09 -18.11
C LYS C 5 -17.80 15.07 -16.98
N ILE C 6 -17.71 13.79 -17.33
CA ILE C 6 -17.51 12.71 -16.37
C ILE C 6 -16.03 12.36 -16.34
N HIS C 7 -15.44 12.36 -15.15
CA HIS C 7 -14.01 12.21 -14.96
C HIS C 7 -13.69 10.80 -14.48
N HIS C 8 -12.96 10.04 -15.31
CA HIS C 8 -12.56 8.67 -15.00
C HIS C 8 -11.14 8.73 -14.46
N HIS C 9 -10.99 8.69 -13.13
CA HIS C 9 -9.67 8.60 -12.53
C HIS C 9 -9.17 7.16 -12.55
N HIS C 10 -7.86 7.00 -12.54
CA HIS C 10 -7.20 5.70 -12.48
C HIS C 10 -6.11 5.77 -11.42
N HIS C 11 -5.76 4.60 -10.87
CA HIS C 11 -4.70 4.51 -9.87
C HIS C 11 -3.81 3.32 -10.20
N HIS C 12 -2.51 3.59 -10.33
CA HIS C 12 -1.52 2.53 -10.53
C HIS C 12 -1.05 2.03 -9.17
N GLU C 13 -0.87 0.72 -9.06
CA GLU C 13 -0.45 0.07 -7.80
C GLU C 13 1.05 -0.11 -7.86
N ARG C 14 1.70 -0.08 -6.70
CA ARG C 14 3.16 -0.27 -6.58
C ARG C 14 3.40 -1.23 -5.43
N MET C 15 4.57 -1.84 -5.38
CA MET C 15 4.95 -2.78 -4.33
C MET C 15 5.26 -1.97 -3.09
N TYR C 16 5.18 -0.64 -3.15
CA TYR C 16 5.35 0.23 -1.98
C TYR C 16 4.53 1.50 -2.14
N ASP C 17 3.59 1.79 -1.22
CA ASP C 17 2.85 3.06 -1.26
C ASP C 17 3.80 4.07 -0.63
N VAL C 18 4.43 3.70 0.47
CA VAL C 18 5.43 4.56 1.17
C VAL C 18 6.80 3.90 1.04
N THR C 19 7.79 4.45 0.31
CA THR C 19 9.11 3.85 0.16
C THR C 19 9.86 4.05 1.46
N PRO C 20 10.17 2.99 2.22
CA PRO C 20 10.90 3.15 3.49
C PRO C 20 12.40 3.40 3.28
N PRO C 21 13.14 3.55 4.36
CA PRO C 21 14.59 3.72 4.24
C PRO C 21 15.25 2.47 3.70
N GLY C 22 16.20 2.69 2.79
CA GLY C 22 16.87 1.61 2.11
C GLY C 22 16.16 1.16 0.85
N VAL C 23 14.94 1.65 0.61
CA VAL C 23 14.16 1.32 -0.57
C VAL C 23 14.08 2.56 -1.44
N VAL C 24 14.58 2.43 -2.68
CA VAL C 24 14.47 3.46 -3.71
C VAL C 24 13.90 2.82 -4.97
N MET C 25 13.19 3.62 -5.77
CA MET C 25 12.61 3.16 -7.02
C MET C 25 13.51 3.58 -8.18
N GLY C 26 13.83 2.62 -9.04
CA GLY C 26 14.57 2.87 -10.25
C GLY C 26 13.73 2.51 -11.47
N LEU C 27 14.31 2.76 -12.63
CA LEU C 27 13.68 2.48 -13.91
C LEU C 27 14.64 1.57 -14.69
N ALA C 28 14.09 0.48 -15.22
CA ALA C 28 14.90 -0.50 -15.95
C ALA C 28 14.40 -0.62 -17.38
N TRP C 29 14.78 -1.68 -18.07
CA TRP C 29 14.61 -1.74 -19.52
C TRP C 29 14.44 -3.20 -19.94
N THR C 30 13.29 -3.78 -19.61
CA THR C 30 13.06 -5.19 -19.95
C THR C 30 12.74 -5.32 -21.44
N ALA C 31 12.81 -6.56 -21.93
CA ALA C 31 12.47 -6.82 -23.33
C ALA C 31 10.98 -6.64 -23.60
N MET C 32 10.15 -6.53 -22.56
CA MET C 32 8.73 -6.30 -22.69
C MET C 32 8.39 -4.81 -22.59
N GLY C 33 9.38 -3.94 -22.62
CA GLY C 33 9.18 -2.52 -22.40
C GLY C 33 9.95 -2.06 -21.19
N GLY C 34 9.43 -1.06 -20.52
CA GLY C 34 10.02 -0.56 -19.30
C GLY C 34 9.50 -1.31 -18.08
N SER C 35 10.04 -0.97 -16.92
CA SER C 35 9.61 -1.56 -15.67
C SER C 35 10.16 -0.72 -14.53
N THR C 36 9.54 -0.87 -13.36
CA THR C 36 9.91 -0.15 -12.14
C THR C 36 10.67 -1.11 -11.24
N LEU C 37 11.91 -0.76 -10.90
CA LEU C 37 12.75 -1.58 -10.03
C LEU C 37 12.84 -0.92 -8.67
N PHE C 38 12.81 -1.73 -7.61
CA PHE C 38 12.99 -1.24 -6.25
C PHE C 38 14.29 -1.82 -5.72
N VAL C 39 15.22 -0.93 -5.35
CA VAL C 39 16.50 -1.31 -4.75
C VAL C 39 16.33 -1.28 -3.24
N GLU C 40 16.93 -2.25 -2.55
CA GLU C 40 16.64 -2.49 -1.15
C GLU C 40 17.90 -2.72 -0.34
N THR C 41 17.92 -2.22 0.89
CA THR C 41 19.10 -2.37 1.75
C THR C 41 18.69 -2.72 3.18
N SER C 42 19.52 -3.52 3.84
CA SER C 42 19.26 -4.05 5.17
C SER C 42 20.57 -4.47 5.83
N LEU C 43 20.46 -5.05 7.04
CA LEU C 43 21.59 -5.57 7.82
C LEU C 43 21.58 -7.09 7.90
N ARG C 44 22.75 -7.65 8.20
CA ARG C 44 22.95 -9.08 8.38
C ARG C 44 23.05 -9.48 9.84
N ARG C 45 23.78 -8.73 10.66
CA ARG C 45 23.84 -8.95 12.10
C ARG C 45 22.46 -9.26 12.68
N ASP C 56 35.22 -3.16 11.04
CA ASP C 56 35.16 -3.49 9.62
C ASP C 56 33.73 -3.42 9.12
N GLY C 57 33.54 -2.84 7.94
CA GLY C 57 32.23 -2.70 7.33
C GLY C 57 32.10 -3.63 6.15
N SER C 58 30.89 -4.11 5.91
CA SER C 58 30.65 -5.16 4.94
C SER C 58 29.51 -4.74 4.03
N LEU C 59 29.24 -5.59 3.05
CA LEU C 59 28.14 -5.41 2.11
C LEU C 59 27.70 -6.79 1.62
N GLU C 60 26.48 -6.94 1.09
CA GLU C 60 26.04 -8.19 0.38
C GLU C 60 25.29 -7.71 -0.86
N VAL C 61 25.16 -8.48 -1.94
CA VAL C 61 24.33 -8.10 -3.14
C VAL C 61 23.64 -9.35 -3.64
N THR C 62 22.31 -9.36 -3.82
CA THR C 62 21.59 -10.63 -4.11
C THR C 62 20.52 -10.55 -5.19
N GLY C 63 20.75 -9.92 -6.35
CA GLY C 63 19.64 -9.75 -7.31
C GLY C 63 19.96 -10.18 -8.72
N GLN C 64 20.82 -9.44 -9.44
CA GLN C 64 21.28 -9.78 -10.81
C GLN C 64 22.57 -10.61 -10.78
N LEU C 65 23.45 -10.36 -9.81
CA LEU C 65 24.66 -11.15 -9.49
C LEU C 65 25.73 -11.16 -10.59
N GLY C 66 25.67 -10.37 -11.64
CA GLY C 66 26.66 -10.53 -12.70
C GLY C 66 28.01 -9.91 -12.38
N GLU C 67 29.04 -10.28 -13.11
CA GLU C 67 30.34 -9.63 -13.00
C GLU C 67 30.19 -8.11 -13.16
N VAL C 68 29.17 -7.69 -13.90
CA VAL C 68 28.92 -6.26 -14.13
C VAL C 68 28.23 -5.63 -12.92
N MET C 69 27.29 -6.36 -12.32
CA MET C 69 26.52 -5.80 -11.22
C MET C 69 27.32 -5.74 -9.92
N LYS C 70 28.10 -6.78 -9.61
CA LYS C 70 28.88 -6.79 -8.38
C LYS C 70 29.78 -5.57 -8.29
N GLU C 71 30.48 -5.26 -9.38
CA GLU C 71 31.45 -4.17 -9.35
C GLU C 71 30.75 -2.82 -9.32
N SER C 72 29.68 -2.66 -10.11
CA SER C 72 28.91 -1.42 -10.10
C SER C 72 28.30 -1.15 -8.73
N ALA C 73 28.02 -2.21 -7.96
CA ALA C 73 27.55 -2.00 -6.59
C ALA C 73 28.70 -1.47 -5.72
N ARG C 74 29.90 -2.03 -5.87
CA ARG C 74 31.04 -1.59 -5.06
C ARG C 74 31.48 -0.17 -5.40
N ILE C 75 31.12 0.33 -6.58
CA ILE C 75 31.39 1.73 -6.91
C ILE C 75 30.43 2.66 -6.16
N ALA C 76 29.14 2.33 -6.19
CA ALA C 76 28.18 3.08 -5.40
C ALA C 76 28.45 2.92 -3.90
N TYR C 77 28.87 1.72 -3.48
CA TYR C 77 29.27 1.54 -2.08
C TYR C 77 30.47 2.40 -1.76
N THR C 78 31.43 2.45 -2.68
CA THR C 78 32.62 3.26 -2.48
C THR C 78 32.27 4.73 -2.43
N PHE C 79 31.44 5.21 -3.36
CA PHE C 79 31.13 6.64 -3.41
C PHE C 79 30.24 7.06 -2.25
N ALA C 80 29.26 6.23 -1.89
CA ALA C 80 28.39 6.57 -0.77
C ALA C 80 29.19 6.69 0.53
N ARG C 81 30.12 5.77 0.76
CA ARG C 81 30.98 5.86 1.93
C ARG C 81 31.77 7.16 1.95
N ALA C 82 32.40 7.51 0.82
CA ALA C 82 33.19 8.73 0.80
C ALA C 82 32.29 9.95 0.87
N PHE C 83 31.20 9.96 0.10
CA PHE C 83 30.25 11.06 0.16
C PHE C 83 29.75 11.27 1.58
N LEU C 84 29.56 10.18 2.31
CA LEU C 84 29.17 10.28 3.72
C LEU C 84 30.29 10.88 4.56
N MET C 85 31.57 10.65 4.19
CA MET C 85 32.68 11.30 4.87
C MET C 85 32.76 12.78 4.58
N GLN C 86 31.76 13.35 3.90
CA GLN C 86 31.77 14.75 3.50
C GLN C 86 30.57 15.48 4.10
N HIS C 87 29.36 15.23 3.60
CA HIS C 87 28.18 15.94 4.07
C HIS C 87 27.84 15.62 5.52
N ALA C 88 28.42 14.57 6.10
CA ALA C 88 28.17 14.21 7.49
C ALA C 88 29.20 13.20 8.00
N PRO C 89 30.39 13.66 8.44
CA PRO C 89 31.47 12.73 8.81
C PRO C 89 31.24 11.95 10.11
N ALA C 90 30.26 12.33 10.93
CA ALA C 90 29.96 11.57 12.14
C ALA C 90 29.31 10.21 11.85
N ASN C 91 28.82 10.00 10.62
CA ASN C 91 28.04 8.81 10.30
C ASN C 91 28.97 7.71 9.83
N ASP C 92 29.08 6.66 10.63
CA ASP C 92 29.92 5.51 10.34
C ASP C 92 29.14 4.32 9.80
N TYR C 93 27.82 4.46 9.64
CA TYR C 93 26.97 3.31 9.37
C TYR C 93 27.56 2.44 8.26
N LEU C 94 28.08 3.07 7.21
CA LEU C 94 28.49 2.33 6.03
C LEU C 94 29.83 1.63 6.23
N VAL C 95 30.74 2.24 7.02
CA VAL C 95 32.05 1.63 7.23
C VAL C 95 32.02 0.55 8.29
N THR C 96 30.92 0.39 9.02
CA THR C 96 30.87 -0.55 10.13
C THR C 96 29.78 -1.60 9.99
N SER C 97 28.63 -1.27 9.42
CA SER C 97 27.50 -2.18 9.44
C SER C 97 27.64 -3.24 8.37
N HIS C 98 27.05 -4.40 8.62
CA HIS C 98 27.00 -5.50 7.65
C HIS C 98 25.73 -5.29 6.86
N ILE C 99 25.86 -4.70 5.68
CA ILE C 99 24.74 -4.23 4.88
C ILE C 99 24.43 -5.27 3.81
N HIS C 100 23.17 -5.29 3.37
CA HIS C 100 22.68 -6.22 2.35
C HIS C 100 21.93 -5.39 1.32
N LEU C 101 22.27 -5.60 0.05
CA LEU C 101 21.71 -4.85 -1.08
C LEU C 101 21.00 -5.81 -2.03
N HIS C 102 19.86 -5.38 -2.57
CA HIS C 102 19.16 -6.21 -3.55
C HIS C 102 18.89 -5.37 -4.78
N VAL C 103 19.24 -5.86 -5.97
CA VAL C 103 19.05 -5.17 -7.26
C VAL C 103 18.24 -6.15 -8.09
N PRO C 104 16.91 -6.01 -8.17
CA PRO C 104 16.10 -7.00 -8.80
C PRO C 104 16.49 -7.41 -10.20
N GLU C 105 16.55 -8.71 -10.48
CA GLU C 105 16.81 -9.18 -11.85
C GLU C 105 15.55 -8.86 -12.62
N GLY C 106 15.61 -8.54 -13.94
CA GLY C 106 14.54 -8.11 -14.86
C GLY C 106 14.98 -7.05 -15.82
N ALA C 107 16.20 -6.54 -15.70
CA ALA C 107 16.79 -5.60 -16.67
C ALA C 107 17.52 -6.42 -17.73
N THR C 108 18.13 -5.78 -18.71
CA THR C 108 18.91 -6.45 -19.77
C THR C 108 20.34 -6.66 -19.26
N PRO C 109 21.23 -7.45 -19.88
CA PRO C 109 22.61 -7.55 -19.40
C PRO C 109 23.39 -6.24 -19.59
N LYS C 110 22.98 -5.44 -20.58
CA LYS C 110 23.50 -4.11 -20.95
C LYS C 110 22.89 -2.97 -20.14
N ASP C 111 22.06 -3.22 -19.14
CA ASP C 111 21.50 -2.12 -18.33
C ASP C 111 21.90 -2.24 -16.88
N GLY C 112 22.78 -3.19 -16.50
CA GLY C 112 23.20 -3.42 -15.14
C GLY C 112 23.69 -2.16 -14.45
N PRO C 113 24.63 -1.44 -15.07
CA PRO C 113 25.17 -0.24 -14.43
C PRO C 113 24.26 0.97 -14.51
N SER C 114 23.05 0.82 -15.05
CA SER C 114 22.07 1.90 -15.02
C SER C 114 21.45 2.10 -13.65
N ALA C 115 21.88 1.32 -12.65
CA ALA C 115 21.32 1.39 -11.30
C ALA C 115 22.25 2.06 -10.31
N GLY C 116 23.38 2.62 -10.75
CA GLY C 116 24.37 3.12 -9.84
C GLY C 116 23.82 4.10 -8.83
N CYS C 117 23.31 5.24 -9.30
CA CYS C 117 22.83 6.27 -8.38
C CYS C 117 21.65 5.77 -7.55
N THR C 118 20.80 4.93 -8.14
CA THR C 118 19.72 4.32 -7.38
C THR C 118 20.28 3.61 -6.15
N ILE C 119 21.47 3.00 -6.30
CA ILE C 119 22.09 2.30 -5.19
C ILE C 119 22.70 3.26 -4.19
N VAL C 120 23.44 4.25 -4.69
CA VAL C 120 24.03 5.27 -3.81
C VAL C 120 22.95 5.84 -2.90
N THR C 121 21.81 6.20 -3.48
CA THR C 121 20.74 6.79 -2.70
C THR C 121 20.16 5.79 -1.69
N ALA C 122 20.09 4.51 -2.09
CA ALA C 122 19.57 3.49 -1.18
C ALA C 122 20.53 3.24 -0.03
N LEU C 123 21.83 3.29 -0.28
CA LEU C 123 22.80 3.10 0.79
C LEU C 123 22.79 4.30 1.74
N LEU C 124 22.79 5.52 1.20
CA LEU C 124 22.74 6.70 2.06
C LEU C 124 21.43 6.73 2.84
N SER C 125 20.31 6.49 2.16
CA SER C 125 19.01 6.48 2.83
C SER C 125 19.01 5.50 4.00
N LEU C 126 19.66 4.34 3.85
CA LEU C 126 19.74 3.39 4.96
C LEU C 126 20.71 3.88 6.02
N ALA C 127 21.88 4.36 5.60
CA ALA C 127 22.88 4.85 6.54
C ALA C 127 22.44 6.13 7.23
N MET C 128 21.42 6.81 6.69
CA MET C 128 20.87 8.00 7.33
C MET C 128 19.63 7.70 8.14
N GLY C 129 18.87 6.67 7.77
CA GLY C 129 17.57 6.50 8.34
C GLY C 129 16.55 7.49 7.83
N ARG C 130 16.85 8.19 6.73
CA ARG C 130 15.91 9.11 6.11
C ARG C 130 15.31 8.42 4.89
N PRO C 131 14.01 8.15 4.84
CA PRO C 131 13.42 7.62 3.61
C PRO C 131 13.74 8.53 2.43
N VAL C 132 13.46 8.07 1.23
CA VAL C 132 13.62 8.92 0.06
C VAL C 132 12.32 9.67 -0.17
N ARG C 133 12.42 10.76 -0.95
CA ARG C 133 11.24 11.49 -1.38
C ARG C 133 10.24 10.54 -2.03
N GLN C 134 8.97 10.67 -1.65
CA GLN C 134 7.95 9.81 -2.21
C GLN C 134 7.69 10.16 -3.67
N ASN C 135 7.31 9.14 -4.46
CA ASN C 135 7.01 9.33 -5.86
C ASN C 135 8.20 9.95 -6.60
N LEU C 136 9.32 9.23 -6.57
CA LEU C 136 10.52 9.62 -7.31
C LEU C 136 11.19 8.37 -7.86
N ALA C 137 11.52 8.40 -9.15
CA ALA C 137 12.30 7.35 -9.78
C ALA C 137 13.54 7.97 -10.41
N MET C 138 14.57 7.16 -10.56
CA MET C 138 15.83 7.66 -11.08
C MET C 138 16.55 6.53 -11.79
N THR C 139 17.53 6.94 -12.59
CA THR C 139 18.36 6.01 -13.33
C THR C 139 19.62 6.76 -13.74
N GLY C 140 20.75 6.06 -13.69
CA GLY C 140 22.02 6.65 -14.04
C GLY C 140 23.19 5.88 -13.48
N GLU C 141 24.19 5.66 -14.32
CA GLU C 141 25.43 5.06 -13.87
C GLU C 141 26.23 6.10 -13.10
N VAL C 142 26.91 5.68 -12.04
CA VAL C 142 27.68 6.58 -11.20
C VAL C 142 29.16 6.25 -11.35
N SER C 143 29.99 7.29 -11.34
CA SER C 143 31.43 7.13 -11.37
C SER C 143 32.01 7.32 -9.96
N LEU C 144 33.34 7.22 -9.87
CA LEU C 144 34.00 7.33 -8.57
C LEU C 144 33.98 8.77 -8.08
N THR C 145 33.95 9.74 -8.99
CA THR C 145 33.84 11.13 -8.58
C THR C 145 32.40 11.53 -8.32
N GLY C 146 31.46 10.64 -8.60
CA GLY C 146 30.05 10.95 -8.46
C GLY C 146 29.42 11.41 -9.75
N LYS C 147 30.22 11.61 -10.80
CA LYS C 147 29.67 12.01 -12.09
C LYS C 147 28.59 11.01 -12.52
N ILE C 148 27.49 11.55 -13.04
CA ILE C 148 26.29 10.78 -13.37
C ILE C 148 26.25 10.57 -14.88
N LEU C 149 26.37 9.30 -15.31
CA LEU C 149 26.52 9.01 -16.71
C LEU C 149 25.20 8.55 -17.34
N PRO C 150 25.05 8.75 -18.65
CA PRO C 150 23.78 8.41 -19.30
C PRO C 150 23.57 6.92 -19.36
N VAL C 151 22.31 6.54 -19.65
CA VAL C 151 21.89 5.15 -19.71
C VAL C 151 21.04 4.94 -20.96
N GLY C 152 20.79 3.66 -21.27
CA GLY C 152 20.15 3.30 -22.51
C GLY C 152 18.65 3.11 -22.37
N GLY C 153 18.00 2.95 -23.52
CA GLY C 153 16.56 2.76 -23.54
C GLY C 153 15.78 3.75 -22.70
N ILE C 154 15.99 5.05 -22.94
CA ILE C 154 15.24 6.07 -22.21
C ILE C 154 13.78 6.13 -22.63
N LYS C 155 13.44 5.62 -23.82
CA LYS C 155 12.03 5.67 -24.24
C LYS C 155 11.17 4.84 -23.30
N GLU C 156 11.64 3.67 -22.90
CA GLU C 156 10.82 2.78 -22.09
C GLU C 156 10.93 3.08 -20.61
N LYS C 157 12.05 3.62 -20.14
CA LYS C 157 12.16 3.96 -18.72
C LYS C 157 11.17 5.05 -18.37
N THR C 158 11.02 6.06 -19.24
CA THR C 158 10.04 7.10 -19.00
C THR C 158 8.62 6.57 -19.14
N ILE C 159 8.38 5.71 -20.14
CA ILE C 159 7.04 5.14 -20.31
C ILE C 159 6.67 4.33 -19.07
N ALA C 160 7.63 3.58 -18.53
CA ALA C 160 7.35 2.78 -17.34
C ALA C 160 7.19 3.64 -16.09
N ALA C 161 7.87 4.79 -16.05
CA ALA C 161 7.68 5.69 -14.93
C ALA C 161 6.31 6.33 -14.97
N LYS C 162 5.86 6.75 -16.15
CA LYS C 162 4.53 7.34 -16.25
C LYS C 162 3.45 6.28 -16.06
N ARG C 163 3.58 5.14 -16.76
CA ARG C 163 2.63 4.05 -16.59
C ARG C 163 2.55 3.58 -15.14
N ALA C 164 3.56 3.87 -14.32
CA ALA C 164 3.59 3.45 -12.94
C ALA C 164 3.17 4.56 -11.99
N GLY C 165 2.86 5.73 -12.52
CA GLY C 165 2.29 6.82 -11.74
C GLY C 165 3.30 7.79 -11.19
N VAL C 166 4.48 7.89 -11.80
CA VAL C 166 5.51 8.81 -11.35
C VAL C 166 5.39 10.13 -12.08
N THR C 167 5.57 11.22 -11.34
CA THR C 167 5.59 12.55 -11.90
C THR C 167 6.96 13.20 -11.84
N CYS C 168 7.92 12.58 -11.14
CA CYS C 168 9.25 13.17 -10.95
C CYS C 168 10.30 12.11 -11.17
N ILE C 169 11.09 12.26 -12.23
CA ILE C 169 12.13 11.32 -12.59
C ILE C 169 13.44 12.08 -12.71
N VAL C 170 14.54 11.41 -12.41
CA VAL C 170 15.86 12.02 -12.40
C VAL C 170 16.70 11.34 -13.48
N LEU C 171 17.04 12.09 -14.52
CA LEU C 171 17.79 11.53 -15.63
C LEU C 171 19.18 12.14 -15.69
N PRO C 172 20.14 11.42 -16.25
CA PRO C 172 21.45 12.02 -16.51
C PRO C 172 21.34 13.15 -17.51
N ALA C 173 22.07 14.24 -17.24
CA ALA C 173 21.97 15.41 -18.09
C ALA C 173 22.34 15.10 -19.54
N GLU C 174 23.17 14.08 -19.76
CA GLU C 174 23.51 13.73 -21.14
C GLU C 174 22.32 13.16 -21.89
N ASN C 175 21.34 12.61 -21.18
CA ASN C 175 20.14 12.07 -21.78
C ASN C 175 19.05 13.13 -21.97
N LYS C 176 19.38 14.39 -21.76
CA LYS C 176 18.45 15.48 -22.08
C LYS C 176 17.94 15.33 -23.51
N LYS C 177 18.86 15.26 -24.48
CA LYS C 177 18.48 15.02 -25.87
C LYS C 177 17.59 13.80 -26.02
N ASP C 178 18.04 12.66 -25.48
CA ASP C 178 17.28 11.42 -25.59
C ASP C 178 15.88 11.53 -25.00
N PHE C 179 15.69 12.37 -23.97
CA PHE C 179 14.39 12.44 -23.32
C PHE C 179 13.39 13.32 -24.05
N TYR C 180 13.84 14.44 -24.62
CA TYR C 180 12.91 15.34 -25.28
C TYR C 180 12.61 14.95 -26.72
N ASP C 181 13.17 13.86 -27.23
CA ASP C 181 12.70 13.26 -28.46
C ASP C 181 11.46 12.39 -28.25
N LEU C 182 10.94 12.34 -27.04
CA LEU C 182 9.79 11.49 -26.70
C LEU C 182 8.54 12.21 -27.11
N ALA C 183 7.54 11.51 -27.66
CA ALA C 183 6.27 12.10 -28.08
C ALA C 183 5.71 12.92 -26.94
N ALA C 184 5.07 14.05 -27.22
CA ALA C 184 4.61 15.03 -26.22
C ALA C 184 3.73 14.38 -25.18
N PHE C 185 2.87 13.45 -25.52
CA PHE C 185 1.96 12.86 -24.52
C PHE C 185 2.72 12.05 -23.49
N ILE C 186 3.92 11.56 -23.76
CA ILE C 186 4.65 10.79 -22.76
C ILE C 186 5.11 11.71 -21.64
N THR C 187 5.72 12.84 -22.01
CA THR C 187 6.33 13.80 -21.10
C THR C 187 5.33 14.78 -20.50
N GLU C 188 4.13 14.89 -21.08
CA GLU C 188 3.20 15.97 -20.77
C GLU C 188 3.19 16.40 -19.30
N GLY C 189 3.16 15.45 -18.37
CA GLY C 189 3.04 15.80 -16.97
C GLY C 189 4.21 15.42 -16.10
N LEU C 190 5.40 15.37 -16.70
CA LEU C 190 6.59 14.85 -16.03
C LEU C 190 7.53 15.99 -15.65
N GLU C 191 7.78 16.10 -14.34
CA GLU C 191 8.86 16.92 -13.81
C GLU C 191 10.17 16.14 -13.93
N VAL C 192 11.05 16.56 -14.84
CA VAL C 192 12.30 15.85 -15.10
C VAL C 192 13.47 16.70 -14.62
N HIS C 193 14.44 16.04 -14.00
CA HIS C 193 15.66 16.69 -13.54
C HIS C 193 16.85 16.08 -14.28
N PHE C 194 17.67 16.93 -14.87
CA PHE C 194 18.84 16.51 -15.62
C PHE C 194 20.06 16.85 -14.79
N VAL C 195 20.73 15.83 -14.29
CA VAL C 195 21.73 15.96 -13.26
C VAL C 195 23.08 15.48 -13.80
N GLU C 196 24.14 16.13 -13.34
CA GLU C 196 25.50 15.91 -13.80
C GLU C 196 26.36 15.18 -12.76
N HIS C 197 26.25 15.58 -11.50
CA HIS C 197 26.91 14.91 -10.38
C HIS C 197 25.84 14.34 -9.44
N TYR C 198 26.25 13.44 -8.55
CA TYR C 198 25.28 12.81 -7.67
C TYR C 198 24.77 13.76 -6.59
N ARG C 199 25.60 14.70 -6.13
CA ARG C 199 25.17 15.60 -5.07
C ARG C 199 23.87 16.30 -5.45
N GLU C 200 23.62 16.47 -6.76
CA GLU C 200 22.34 17.02 -7.19
C GLU C 200 21.20 16.05 -6.95
N ILE C 201 21.50 14.75 -6.97
CA ILE C 201 20.49 13.77 -6.65
C ILE C 201 20.24 13.75 -5.14
N PHE C 202 21.29 13.98 -4.34
CA PHE C 202 21.09 13.98 -2.89
C PHE C 202 20.14 15.07 -2.46
N ASP C 203 20.34 16.29 -2.95
CA ASP C 203 19.49 17.43 -2.59
C ASP C 203 18.09 17.33 -3.18
N ILE C 204 17.84 16.33 -4.02
CA ILE C 204 16.50 16.07 -4.55
C ILE C 204 15.77 15.01 -3.74
N ALA C 205 16.49 13.95 -3.37
CA ALA C 205 15.90 12.92 -2.52
C ALA C 205 15.66 13.45 -1.10
N PHE C 206 16.62 14.17 -0.54
CA PHE C 206 16.61 14.60 0.86
C PHE C 206 16.68 16.11 0.97
N PRO C 207 15.57 16.81 0.69
CA PRO C 207 15.49 18.28 0.65
C PRO C 207 15.65 18.97 2.00
C2 UKS D . -15.37 -19.15 6.65
C3 UKS D . -13.98 -19.18 6.06
C11 UKS D . -11.59 -16.69 6.29
C14 UKS D . -16.98 -22.59 6.72
C17 UKS D . -17.99 -23.75 5.02
C18 UKS D . -18.41 -24.71 5.94
C20 UKS D . -17.41 -23.55 7.65
C21 UKS D . -15.11 -16.86 5.64
C22 UKS D . -15.88 -15.65 5.08
C23 UKS D . -10.94 -15.40 6.78
C24 UKS D . -9.75 -15.01 5.93
C25 UKS D . -9.37 -15.81 4.85
C26 UKS D . -8.28 -15.45 4.09
C27 UKS D . -7.57 -14.29 4.38
C28 UKS D . -7.94 -13.50 5.45
C29 UKS D . -9.03 -13.85 6.23
B9 UKS D . -10.84 -20.48 6.74
C10 UKS D . -10.88 -17.91 6.89
C4 UKS D . -16.11 -17.88 6.20
C7 UKS D . -16.18 -21.40 7.13
C8 UKS D . -11.59 -19.16 6.35
N1 UKS D . -16.14 -20.34 6.30
N16 UKS D . -17.29 -22.72 5.43
N19 UKS D . -18.12 -24.59 7.22
N6 UKS D . -12.93 -19.14 6.90
O12 UKS D . -11.12 -20.80 8.09
O13 UKS D . -11.28 -21.55 5.93
O15 UKS D . -15.56 -21.39 8.18
O5 UKS D . -13.79 -19.23 4.86
C2 UKS E . -28.12 1.79 5.12
C3 UKS E . -27.15 2.70 4.41
C11 UKS E . -24.98 5.38 5.67
C14 UKS E . -29.27 -1.05 2.82
C17 UKS E . -30.59 -1.12 0.92
C18 UKS E . -30.72 -2.50 1.06
C20 UKS E . -29.42 -2.44 2.94
C21 UKS E . -28.45 4.02 6.30
C22 UKS E . -29.52 4.95 6.85
C23 UKS E . -24.35 5.98 6.94
C24 UKS E . -23.74 7.32 6.61
C25 UKS E . -22.96 7.97 7.56
C26 UKS E . -22.39 9.19 7.26
C27 UKS E . -22.61 9.77 6.02
C28 UKS E . -23.37 9.13 5.07
C29 UKS E . -23.95 7.90 5.37
B9 UKS E . -23.97 2.76 3.03
C10 UKS E . -24.10 4.27 5.09
C4 UKS E . -29.08 2.66 5.94
C7 UKS E . -28.46 -0.28 3.79
C8 UKS E . -24.90 3.54 4.02
N1 UKS E . -28.86 0.96 4.15
N16 UKS E . -29.87 -0.43 1.79
N19 UKS E . -30.14 -3.11 2.07
N6 UKS E . -25.84 2.64 4.69
O12 UKS E . -23.53 1.56 3.63
O13 UKS E . -24.66 2.45 1.84
O15 UKS E . -27.44 -0.76 4.28
O5 UKS E . -27.57 3.50 3.60
#